data_5U4M
#
_entry.id   5U4M
#
_cell.length_a   64.912
_cell.length_b   64.912
_cell.length_c   215.419
_cell.angle_alpha   90.000
_cell.angle_beta   90.000
_cell.angle_gamma   120.000
#
_symmetry.space_group_name_H-M   'P 32 2 1'
#
loop_
_entity.id
_entity.type
_entity.pdbx_description
1 polymer Ricin
2 polymer 'V1C7 VHH antibody'
3 non-polymer 'CHLORIDE ION'
4 water water
#
loop_
_entity_poly.entity_id
_entity_poly.type
_entity_poly.pdbx_seq_one_letter_code
_entity_poly.pdbx_strand_id
1 'polypeptide(L)'
;QYPIINFTTAGATVQSYTNFIRAVRGRLTTGADVRHEIPVLPNRVGLPINQRFILVELSNHAELSVTLALDVTNAYVVGY
RAGNSAYFFHPDNQEDAEAITHLFTDVQNRYTFAFGGNYDRLEQLAGNLRENIELGNGPLEEAISALYYYSTGGTQLPTL
ARSFIICIQMISEAARFQYIEGEMRTRIRYNRRSAPDPSVITLENSWGRLSTAIQESNQGAFASPIQLQRRNGSKFSVYD
VSILIPIIALMVYRC
;
A
2 'polypeptide(L)'
;NAQVQLVESGGGLVQPGGSLRLSCVASEFSRFTLDYYAIGWFRQAPGKEREGLSSISSSSDGFTSYSDSVKGRFTISRDN
AKNTVYLQMNSLKPEDTAVYYCAARLGGWASFSPQEYDYWGQGTQVTVS
;
B
#
loop_
_chem_comp.id
_chem_comp.type
_chem_comp.name
_chem_comp.formula
CL non-polymer 'CHLORIDE ION' 'Cl -1'
#
# COMPACT_ATOMS: atom_id res chain seq x y z
N GLN A 1 -26.32 -4.71 -2.38
CA GLN A 1 -26.08 -4.51 -0.96
C GLN A 1 -25.44 -3.14 -0.68
N TYR A 2 -24.29 -3.14 -0.04
CA TYR A 2 -23.66 -1.90 0.40
C TYR A 2 -23.21 -1.00 -0.75
N PRO A 3 -23.12 0.32 -0.48
CA PRO A 3 -22.70 1.30 -1.48
C PRO A 3 -21.22 1.13 -1.84
N ILE A 4 -20.87 1.43 -3.10
CA ILE A 4 -19.51 1.26 -3.58
C ILE A 4 -18.93 2.55 -4.12
N ILE A 5 -17.77 2.95 -3.61
CA ILE A 5 -17.02 4.07 -4.17
C ILE A 5 -15.84 3.53 -4.97
N ASN A 6 -15.79 3.86 -6.25
CA ASN A 6 -14.73 3.39 -7.13
C ASN A 6 -13.52 4.33 -7.16
N PHE A 7 -12.33 3.75 -7.15
CA PHE A 7 -11.12 4.54 -7.36
C PHE A 7 -10.02 3.77 -8.11
N THR A 8 -9.34 4.47 -9.02
CA THR A 8 -8.24 3.87 -9.77
C THR A 8 -6.96 4.69 -9.62
N THR A 9 -5.86 4.03 -9.31
CA THR A 9 -4.57 4.70 -9.18
C THR A 9 -4.00 5.07 -10.54
N ALA A 10 -4.65 4.61 -11.60
CA ALA A 10 -4.10 4.80 -12.93
C ALA A 10 -4.43 6.19 -13.46
N GLY A 11 -3.39 6.97 -13.70
CA GLY A 11 -3.55 8.36 -14.10
C GLY A 11 -4.24 9.18 -13.01
N ALA A 12 -4.13 8.73 -11.77
CA ALA A 12 -4.77 9.42 -10.65
C ALA A 12 -4.26 10.85 -10.54
N THR A 13 -5.17 11.77 -10.24
CA THR A 13 -4.79 13.17 -10.03
C THR A 13 -5.13 13.59 -8.62
N VAL A 14 -4.77 14.83 -8.28
CA VAL A 14 -5.16 15.41 -7.00
C VAL A 14 -6.68 15.54 -6.94
N GLN A 15 -7.28 15.98 -8.05
CA GLN A 15 -8.73 16.08 -8.14
C GLN A 15 -9.37 14.69 -8.08
N SER A 16 -8.77 13.75 -8.81
CA SER A 16 -9.22 12.37 -8.82
C SER A 16 -9.35 11.79 -7.42
N TYR A 17 -8.31 12.00 -6.62
CA TYR A 17 -8.22 11.43 -5.28
C TYR A 17 -9.07 12.21 -4.31
N THR A 18 -9.15 13.52 -4.52
CA THR A 18 -9.96 14.39 -3.67
C THR A 18 -11.44 14.10 -3.82
N ASN A 19 -11.88 13.89 -5.06
CA ASN A 19 -13.27 13.51 -5.31
C ASN A 19 -13.56 12.17 -4.64
N PHE A 20 -12.56 11.31 -4.65
CA PHE A 20 -12.69 9.97 -4.07
C PHE A 20 -12.87 10.03 -2.56
N ILE A 21 -12.07 10.84 -1.89
CA ILE A 21 -12.13 10.97 -0.44
C ILE A 21 -13.41 11.69 0.01
N ARG A 22 -13.83 12.69 -0.76
CA ARG A 22 -15.10 13.36 -0.49
C ARG A 22 -16.23 12.36 -0.61
N ALA A 23 -16.28 11.68 -1.75
CA ALA A 23 -17.28 10.64 -1.97
C ALA A 23 -17.31 9.67 -0.80
N VAL A 24 -16.14 9.22 -0.39
CA VAL A 24 -16.00 8.33 0.75
C VAL A 24 -16.60 8.92 2.03
N ARG A 25 -16.20 10.15 2.35
CA ARG A 25 -16.75 10.85 3.51
C ARG A 25 -18.26 10.94 3.43
N GLY A 26 -18.75 11.31 2.25
CA GLY A 26 -20.18 11.47 2.03
C GLY A 26 -20.96 10.22 2.39
N ARG A 27 -20.36 9.05 2.13
CA ARG A 27 -21.04 7.77 2.38
C ARG A 27 -21.03 7.32 3.83
N LEU A 28 -20.05 7.79 4.60
CA LEU A 28 -20.01 7.53 6.04
C LEU A 28 -21.09 8.33 6.75
N THR A 29 -21.06 9.64 6.51
CA THR A 29 -22.03 10.58 7.03
C THR A 29 -23.19 10.60 6.03
N THR A 30 -24.22 11.41 6.26
CA THR A 30 -24.37 12.23 7.45
C THR A 30 -25.80 12.16 7.94
N GLY A 31 -25.96 12.15 9.26
CA GLY A 31 -27.27 12.25 9.87
C GLY A 31 -27.56 13.71 10.16
N ALA A 32 -26.88 14.59 9.43
CA ALA A 32 -26.87 16.01 9.76
C ALA A 32 -26.32 16.09 11.18
N ASP A 33 -25.45 15.16 11.50
CA ASP A 33 -24.98 14.98 12.87
C ASP A 33 -23.63 15.66 13.04
N VAL A 34 -23.63 16.77 13.76
CA VAL A 34 -22.43 17.55 13.98
C VAL A 34 -22.34 18.01 15.43
N ARG A 35 -21.28 17.62 16.12
CA ARG A 35 -21.03 18.09 17.47
C ARG A 35 -19.83 19.04 17.49
N HIS A 36 -20.04 20.25 17.99
CA HIS A 36 -19.00 21.27 18.01
C HIS A 36 -18.39 21.46 16.62
N GLU A 37 -19.23 21.29 15.60
CA GLU A 37 -18.87 21.60 14.21
C GLU A 37 -18.16 20.46 13.46
N ILE A 38 -17.80 19.39 14.16
CA ILE A 38 -17.20 18.22 13.51
C ILE A 38 -18.23 17.11 13.31
N PRO A 39 -18.44 16.69 12.07
CA PRO A 39 -19.34 15.56 11.81
C PRO A 39 -18.99 14.33 12.65
N VAL A 40 -20.02 13.64 13.14
CA VAL A 40 -19.84 12.44 13.94
C VAL A 40 -20.33 11.22 13.18
N LEU A 41 -19.53 10.16 13.18
CA LEU A 41 -19.91 8.91 12.55
C LEU A 41 -21.10 8.29 13.26
N PRO A 42 -21.84 7.41 12.58
CA PRO A 42 -23.02 6.78 13.18
C PRO A 42 -22.65 5.96 14.40
N ASN A 43 -23.53 5.90 15.39
CA ASN A 43 -23.26 5.13 16.61
C ASN A 43 -23.43 3.63 16.38
N ARG A 44 -22.39 2.89 16.74
CA ARG A 44 -22.38 1.44 16.57
C ARG A 44 -23.62 0.78 17.17
N VAL A 45 -24.06 1.28 18.32
CA VAL A 45 -25.15 0.67 19.06
C VAL A 45 -26.50 0.85 18.36
N GLY A 46 -27.16 -0.26 18.09
CA GLY A 46 -28.48 -0.24 17.48
C GLY A 46 -28.45 -0.15 15.97
N LEU A 47 -27.28 0.15 15.42
CA LEU A 47 -27.12 0.31 13.98
C LEU A 47 -27.54 -0.96 13.24
N PRO A 48 -28.49 -0.81 12.29
CA PRO A 48 -28.92 -1.93 11.44
C PRO A 48 -27.78 -2.45 10.58
N ILE A 49 -27.79 -3.75 10.30
CA ILE A 49 -26.69 -4.37 9.57
C ILE A 49 -26.46 -3.74 8.20
N ASN A 50 -27.54 -3.39 7.52
CA ASN A 50 -27.45 -2.88 6.15
C ASN A 50 -26.88 -1.47 6.01
N GLN A 51 -26.81 -0.74 7.12
CA GLN A 51 -26.15 0.55 7.16
C GLN A 51 -24.73 0.48 7.71
N ARG A 52 -24.28 -0.73 8.00
CA ARG A 52 -23.02 -0.93 8.73
C ARG A 52 -21.74 -0.67 7.93
N PHE A 53 -21.76 -0.99 6.64
CA PHE A 53 -20.53 -0.97 5.85
C PHE A 53 -20.65 -0.16 4.56
N ILE A 54 -19.50 0.30 4.08
CA ILE A 54 -19.37 0.83 2.72
C ILE A 54 -18.22 0.11 2.04
N LEU A 55 -18.33 -0.06 0.73
CA LEU A 55 -17.31 -0.77 -0.02
C LEU A 55 -16.48 0.20 -0.84
N VAL A 56 -15.18 -0.09 -0.95
CA VAL A 56 -14.31 0.70 -1.81
C VAL A 56 -13.58 -0.19 -2.81
N GLU A 57 -13.91 0.01 -4.08
CA GLU A 57 -13.33 -0.77 -5.17
C GLU A 57 -12.10 -0.03 -5.69
N LEU A 58 -10.96 -0.70 -5.67
CA LEU A 58 -9.71 -0.12 -6.14
C LEU A 58 -9.15 -0.93 -7.30
N SER A 59 -8.60 -0.24 -8.29
CA SER A 59 -7.98 -0.90 -9.42
C SER A 59 -6.78 -0.11 -9.91
N ASN A 60 -5.85 -0.79 -10.58
CA ASN A 60 -4.63 -0.16 -11.05
C ASN A 60 -4.49 -0.25 -12.57
N HIS A 61 -3.37 0.25 -13.07
CA HIS A 61 -3.12 0.27 -14.51
C HIS A 61 -3.05 -1.14 -15.10
N ALA A 62 -2.73 -2.11 -14.25
CA ALA A 62 -2.60 -3.50 -14.68
C ALA A 62 -3.97 -4.17 -14.72
N GLU A 63 -5.00 -3.38 -14.40
CA GLU A 63 -6.38 -3.86 -14.37
C GLU A 63 -6.60 -4.89 -13.29
N LEU A 64 -5.78 -4.83 -12.25
CA LEU A 64 -5.99 -5.64 -11.06
C LEU A 64 -6.90 -4.85 -10.12
N SER A 65 -7.83 -5.54 -9.49
CA SER A 65 -8.83 -4.86 -8.68
C SER A 65 -9.11 -5.59 -7.38
N VAL A 66 -9.32 -4.82 -6.32
CA VAL A 66 -9.78 -5.36 -5.05
C VAL A 66 -10.83 -4.42 -4.46
N THR A 67 -11.61 -4.92 -3.52
CA THR A 67 -12.64 -4.13 -2.88
C THR A 67 -12.46 -4.15 -1.37
N LEU A 68 -12.34 -2.98 -0.77
CA LEU A 68 -12.16 -2.87 0.67
C LEU A 68 -13.49 -2.63 1.36
N ALA A 69 -13.66 -3.21 2.53
CA ALA A 69 -14.85 -2.95 3.35
C ALA A 69 -14.46 -2.06 4.52
N LEU A 70 -15.18 -0.94 4.67
CA LEU A 70 -14.96 -0.03 5.79
C LEU A 70 -16.20 0.00 6.69
N ASP A 71 -15.97 0.01 7.99
CA ASP A 71 -17.04 0.15 8.97
C ASP A 71 -17.38 1.63 9.07
N VAL A 72 -18.66 1.96 8.91
CA VAL A 72 -19.08 3.36 8.94
C VAL A 72 -18.93 3.98 10.33
N THR A 73 -18.85 3.14 11.35
CA THR A 73 -18.73 3.65 12.72
C THR A 73 -17.34 4.23 13.00
N ASN A 74 -16.28 3.49 12.68
CA ASN A 74 -14.91 4.03 12.73
C ASN A 74 -14.20 4.45 11.43
N ALA A 75 -14.81 4.18 10.28
CA ALA A 75 -14.17 4.40 8.97
C ALA A 75 -12.92 3.54 8.74
N TYR A 76 -12.82 2.42 9.44
CA TYR A 76 -11.62 1.59 9.37
C TYR A 76 -11.86 0.39 8.47
N VAL A 77 -10.80 -0.03 7.78
CA VAL A 77 -10.86 -1.22 6.92
C VAL A 77 -11.07 -2.45 7.79
N VAL A 78 -12.09 -3.23 7.48
CA VAL A 78 -12.31 -4.50 8.18
C VAL A 78 -11.85 -5.73 7.39
N GLY A 79 -11.46 -5.53 6.13
CA GLY A 79 -11.15 -6.65 5.27
C GLY A 79 -11.41 -6.33 3.80
N TYR A 80 -11.18 -7.30 2.93
CA TYR A 80 -11.30 -7.05 1.49
C TYR A 80 -11.69 -8.28 0.67
N ARG A 81 -12.14 -8.03 -0.55
CA ARG A 81 -12.45 -9.09 -1.49
C ARG A 81 -11.59 -8.95 -2.75
N ALA A 82 -11.09 -10.08 -3.23
CA ALA A 82 -10.52 -10.14 -4.57
C ALA A 82 -11.04 -11.40 -5.25
N GLY A 83 -11.82 -11.22 -6.31
CA GLY A 83 -12.35 -12.36 -7.03
C GLY A 83 -13.11 -13.32 -6.13
N ASN A 84 -12.65 -14.56 -6.16
CA ASN A 84 -13.26 -15.68 -5.43
C ASN A 84 -12.99 -15.67 -3.93
N SER A 85 -12.10 -14.80 -3.47
CA SER A 85 -11.63 -14.84 -2.08
C SER A 85 -11.84 -13.54 -1.31
N ALA A 86 -12.15 -13.69 -0.03
CA ALA A 86 -12.37 -12.54 0.84
C ALA A 86 -11.67 -12.75 2.19
N TYR A 87 -10.95 -11.72 2.65
CA TYR A 87 -10.22 -11.80 3.90
C TYR A 87 -10.65 -10.73 4.87
N PHE A 88 -10.67 -11.07 6.15
CA PHE A 88 -11.13 -10.16 7.19
C PHE A 88 -10.14 -10.10 8.35
N PHE A 89 -9.97 -8.92 8.93
CA PHE A 89 -9.21 -8.79 10.16
C PHE A 89 -9.97 -9.50 11.27
N HIS A 90 -9.26 -9.89 12.32
CA HIS A 90 -9.88 -10.58 13.45
C HIS A 90 -10.80 -9.61 14.22
N PRO A 91 -12.10 -9.94 14.28
CA PRO A 91 -13.10 -9.15 15.01
C PRO A 91 -12.80 -9.04 16.49
N ASP A 92 -13.09 -7.88 17.07
CA ASP A 92 -12.83 -7.63 18.49
C ASP A 92 -13.85 -8.33 19.38
N ASN A 93 -14.95 -8.78 18.78
CA ASN A 93 -16.01 -9.46 19.53
C ASN A 93 -17.03 -10.14 18.62
N GLN A 94 -18.01 -10.80 19.23
CA GLN A 94 -18.99 -11.58 18.47
C GLN A 94 -20.01 -10.71 17.72
N GLU A 95 -20.28 -9.51 18.24
CA GLU A 95 -21.15 -8.59 17.53
C GLU A 95 -20.52 -8.22 16.19
N ASP A 96 -19.24 -7.84 16.23
CA ASP A 96 -18.51 -7.50 15.02
C ASP A 96 -18.28 -8.74 14.15
N ALA A 97 -18.12 -9.88 14.81
CA ALA A 97 -18.01 -11.15 14.11
C ALA A 97 -19.23 -11.35 13.21
N GLU A 98 -20.39 -11.48 13.84
CA GLU A 98 -21.65 -11.66 13.13
C GLU A 98 -21.79 -10.62 12.02
N ALA A 99 -21.51 -9.37 12.34
CA ALA A 99 -21.65 -8.28 11.38
C ALA A 99 -20.96 -8.56 10.04
N ILE A 100 -19.68 -8.90 10.09
CA ILE A 100 -18.89 -9.08 8.88
C ILE A 100 -19.35 -10.25 8.00
N THR A 101 -20.21 -11.11 8.54
CA THR A 101 -20.76 -12.20 7.75
C THR A 101 -21.71 -11.69 6.68
N HIS A 102 -22.06 -10.42 6.76
CA HIS A 102 -22.94 -9.79 5.77
C HIS A 102 -22.17 -9.15 4.63
N LEU A 103 -20.84 -9.28 4.67
CA LEU A 103 -19.99 -8.73 3.61
C LEU A 103 -19.67 -9.80 2.59
N PHE A 104 -19.64 -9.41 1.32
CA PHE A 104 -19.19 -10.30 0.25
C PHE A 104 -19.84 -11.67 0.35
N THR A 105 -21.16 -11.69 0.50
CA THR A 105 -21.88 -12.93 0.73
C THR A 105 -21.72 -13.94 -0.41
N ASP A 106 -21.47 -13.45 -1.62
CA ASP A 106 -21.34 -14.33 -2.78
C ASP A 106 -19.96 -14.99 -2.87
N VAL A 107 -18.95 -14.36 -2.28
CA VAL A 107 -17.58 -14.86 -2.38
C VAL A 107 -17.51 -16.33 -1.93
N GLN A 108 -16.85 -17.16 -2.72
CA GLN A 108 -16.82 -18.60 -2.45
C GLN A 108 -15.77 -19.00 -1.40
N ASN A 109 -14.77 -18.16 -1.19
CA ASN A 109 -13.75 -18.42 -0.18
C ASN A 109 -13.69 -17.33 0.88
N ARG A 110 -14.04 -17.69 2.11
CA ARG A 110 -14.02 -16.73 3.22
C ARG A 110 -12.93 -17.07 4.22
N TYR A 111 -12.15 -16.05 4.61
CA TYR A 111 -11.06 -16.24 5.56
C TYR A 111 -11.04 -15.11 6.58
N THR A 112 -10.78 -15.45 7.84
CA THR A 112 -10.64 -14.47 8.89
C THR A 112 -9.29 -14.61 9.58
N PHE A 113 -8.47 -13.57 9.46
CA PHE A 113 -7.12 -13.58 10.05
C PHE A 113 -7.17 -13.75 11.55
N ALA A 114 -6.13 -14.37 12.10
CA ALA A 114 -6.02 -14.56 13.55
C ALA A 114 -5.64 -13.24 14.23
N PHE A 115 -5.21 -12.28 13.43
CA PHE A 115 -4.75 -11.00 13.94
C PHE A 115 -5.68 -9.87 13.50
N GLY A 116 -5.72 -8.81 14.29
CA GLY A 116 -6.53 -7.66 13.98
C GLY A 116 -5.80 -6.72 13.03
N GLY A 117 -6.43 -5.60 12.71
CA GLY A 117 -5.87 -4.64 11.77
C GLY A 117 -5.30 -3.40 12.41
N ASN A 118 -5.04 -3.45 13.71
CA ASN A 118 -4.41 -2.33 14.40
C ASN A 118 -2.94 -2.17 14.00
N TYR A 119 -2.45 -0.93 14.07
CA TYR A 119 -1.10 -0.61 13.62
C TYR A 119 -0.01 -1.42 14.33
N ASP A 120 -0.09 -1.50 15.65
CA ASP A 120 0.90 -2.25 16.41
C ASP A 120 1.13 -3.62 15.80
N ARG A 121 0.04 -4.32 15.52
CA ARG A 121 0.12 -5.66 14.95
C ARG A 121 0.67 -5.63 13.53
N LEU A 122 0.11 -4.76 12.69
CA LEU A 122 0.49 -4.70 11.29
C LEU A 122 1.94 -4.27 11.09
N GLU A 123 2.44 -3.40 11.95
CA GLU A 123 3.83 -2.95 11.89
C GLU A 123 4.77 -4.10 12.20
N GLN A 124 4.44 -4.87 13.24
CA GLN A 124 5.18 -6.07 13.58
C GLN A 124 5.31 -6.98 12.36
N LEU A 125 4.17 -7.26 11.73
CA LEU A 125 4.11 -8.19 10.61
C LEU A 125 4.79 -7.65 9.35
N ALA A 126 4.81 -6.33 9.20
CA ALA A 126 5.43 -5.71 8.04
C ALA A 126 6.94 -5.63 8.22
N GLY A 127 7.40 -5.76 9.46
CA GLY A 127 8.81 -5.58 9.77
C GLY A 127 9.20 -4.12 9.76
N ASN A 128 8.20 -3.24 9.78
CA ASN A 128 8.44 -1.80 9.74
C ASN A 128 7.36 -0.97 10.44
N LEU A 129 7.78 0.14 11.04
CA LEU A 129 6.85 1.12 11.59
C LEU A 129 6.26 1.95 10.45
N ARG A 130 5.12 2.59 10.73
CA ARG A 130 4.53 3.54 9.78
C ARG A 130 5.56 4.59 9.37
N GLU A 131 6.48 4.91 10.27
CA GLU A 131 7.54 5.88 10.00
C GLU A 131 8.34 5.47 8.77
N ASN A 132 8.58 4.17 8.64
CA ASN A 132 9.44 3.65 7.57
C ASN A 132 8.72 3.09 6.33
N ILE A 133 7.40 3.22 6.29
CA ILE A 133 6.63 2.79 5.13
C ILE A 133 6.15 3.99 4.30
N GLU A 134 6.53 4.01 3.03
CA GLU A 134 6.22 5.15 2.16
C GLU A 134 4.80 5.13 1.62
N LEU A 135 4.25 6.32 1.43
CA LEU A 135 2.88 6.46 0.92
C LEU A 135 2.91 7.29 -0.35
N GLY A 136 1.87 7.14 -1.16
CA GLY A 136 1.77 7.84 -2.43
C GLY A 136 0.94 7.02 -3.39
N ASN A 137 0.80 7.48 -4.63
CA ASN A 137 0.05 6.72 -5.62
C ASN A 137 0.72 5.38 -5.92
N GLY A 138 2.04 5.41 -6.11
CA GLY A 138 2.82 4.21 -6.35
C GLY A 138 2.65 3.14 -5.29
N PRO A 139 2.88 3.51 -4.02
CA PRO A 139 2.71 2.53 -2.94
C PRO A 139 1.30 1.93 -2.91
N LEU A 140 0.32 2.75 -3.26
CA LEU A 140 -1.08 2.29 -3.29
C LEU A 140 -1.32 1.37 -4.48
N GLU A 141 -0.78 1.77 -5.63
CA GLU A 141 -0.83 0.95 -6.83
C GLU A 141 -0.35 -0.46 -6.53
N GLU A 142 0.78 -0.54 -5.83
CA GLU A 142 1.39 -1.81 -5.48
C GLU A 142 0.54 -2.58 -4.47
N ALA A 143 0.04 -1.86 -3.48
CA ALA A 143 -0.78 -2.47 -2.42
C ALA A 143 -1.99 -3.20 -3.01
N ILE A 144 -2.63 -2.57 -3.99
CA ILE A 144 -3.74 -3.22 -4.69
C ILE A 144 -3.27 -4.55 -5.27
N SER A 145 -2.13 -4.51 -5.96
CA SER A 145 -1.57 -5.70 -6.57
C SER A 145 -1.25 -6.76 -5.53
N ALA A 146 -0.64 -6.34 -4.42
CA ALA A 146 -0.23 -7.25 -3.37
C ALA A 146 -1.43 -7.98 -2.78
N LEU A 147 -2.53 -7.27 -2.59
CA LEU A 147 -3.75 -7.89 -2.07
C LEU A 147 -4.34 -8.85 -3.10
N TYR A 148 -4.38 -8.42 -4.35
CA TYR A 148 -4.91 -9.23 -5.44
C TYR A 148 -4.20 -10.59 -5.53
N TYR A 149 -2.88 -10.59 -5.40
CA TYR A 149 -2.09 -11.80 -5.56
C TYR A 149 -2.04 -12.67 -4.31
N TYR A 150 -2.58 -12.17 -3.20
CA TYR A 150 -2.43 -12.85 -1.92
C TYR A 150 -3.04 -14.24 -1.89
N SER A 151 -4.20 -14.40 -2.52
CA SER A 151 -4.93 -15.67 -2.44
C SER A 151 -4.28 -16.79 -3.25
N THR A 152 -3.50 -16.42 -4.26
CA THR A 152 -2.81 -17.42 -5.08
C THR A 152 -1.40 -17.70 -4.57
N GLY A 153 -1.05 -17.08 -3.45
CA GLY A 153 0.23 -17.33 -2.81
C GLY A 153 1.38 -16.49 -3.34
N GLY A 154 1.04 -15.44 -4.08
CA GLY A 154 2.05 -14.58 -4.67
C GLY A 154 2.47 -13.40 -3.80
N THR A 155 2.02 -13.38 -2.56
CA THR A 155 2.29 -12.25 -1.67
C THR A 155 2.75 -12.68 -0.28
N GLN A 156 3.95 -12.24 0.10
CA GLN A 156 4.51 -12.54 1.42
C GLN A 156 3.79 -11.76 2.51
N LEU A 157 3.63 -12.38 3.68
CA LEU A 157 2.90 -11.76 4.79
C LEU A 157 3.33 -10.32 5.06
N PRO A 158 4.64 -10.09 5.21
CA PRO A 158 5.12 -8.73 5.45
C PRO A 158 4.65 -7.77 4.38
N THR A 159 4.59 -8.24 3.14
CA THR A 159 4.14 -7.43 2.03
C THR A 159 2.65 -7.12 2.15
N LEU A 160 1.89 -8.08 2.66
CA LEU A 160 0.45 -7.89 2.86
C LEU A 160 0.17 -6.88 3.98
N ALA A 161 0.86 -7.07 5.11
CA ALA A 161 0.71 -6.16 6.24
C ALA A 161 1.03 -4.74 5.80
N ARG A 162 2.15 -4.62 5.09
CA ARG A 162 2.61 -3.36 4.55
C ARG A 162 1.55 -2.73 3.66
N SER A 163 0.89 -3.57 2.87
CA SER A 163 -0.13 -3.10 1.93
C SER A 163 -1.38 -2.62 2.66
N PHE A 164 -1.69 -3.26 3.78
CA PHE A 164 -2.82 -2.84 4.61
C PHE A 164 -2.53 -1.47 5.21
N ILE A 165 -1.33 -1.31 5.76
CA ILE A 165 -0.93 -0.04 6.36
C ILE A 165 -1.05 1.11 5.37
N ILE A 166 -0.77 0.83 4.11
CA ILE A 166 -0.86 1.84 3.06
C ILE A 166 -2.32 2.20 2.76
N CYS A 167 -3.17 1.19 2.66
CA CYS A 167 -4.58 1.41 2.37
C CYS A 167 -5.29 2.14 3.52
N ILE A 168 -5.10 1.63 4.73
CA ILE A 168 -5.71 2.24 5.91
C ILE A 168 -5.40 3.73 5.99
N GLN A 169 -4.14 4.09 5.80
CA GLN A 169 -3.72 5.48 5.94
C GLN A 169 -4.16 6.36 4.76
N MET A 170 -4.14 5.81 3.55
CA MET A 170 -4.47 6.61 2.37
C MET A 170 -5.98 6.68 2.14
N ILE A 171 -6.72 5.81 2.80
CA ILE A 171 -8.18 5.82 2.70
C ILE A 171 -8.85 6.17 4.03
N SER A 172 -8.68 5.32 5.04
CA SER A 172 -9.31 5.57 6.34
C SER A 172 -8.81 6.86 7.00
N GLU A 173 -7.51 6.94 7.24
CA GLU A 173 -6.94 8.10 7.92
C GLU A 173 -7.17 9.38 7.11
N ALA A 174 -7.16 9.24 5.80
CA ALA A 174 -7.43 10.38 4.91
C ALA A 174 -8.86 10.87 5.06
N ALA A 175 -9.81 9.94 5.16
CA ALA A 175 -11.22 10.30 5.33
C ALA A 175 -11.43 10.92 6.70
N ARG A 176 -10.74 10.38 7.71
CA ARG A 176 -10.84 10.90 9.07
C ARG A 176 -10.28 12.31 9.21
N PHE A 177 -9.22 12.60 8.46
CA PHE A 177 -8.48 13.86 8.60
C PHE A 177 -8.30 14.59 7.27
N GLN A 178 -8.83 15.80 7.16
CA GLN A 178 -8.55 16.63 5.99
C GLN A 178 -7.05 16.88 5.93
N TYR A 179 -6.41 16.91 7.10
CA TYR A 179 -4.98 17.17 7.18
C TYR A 179 -4.18 16.04 6.52
N ILE A 180 -4.61 14.81 6.76
CA ILE A 180 -3.95 13.66 6.17
C ILE A 180 -4.33 13.55 4.69
N GLU A 181 -5.58 13.86 4.37
CA GLU A 181 -6.00 13.92 2.98
C GLU A 181 -5.05 14.82 2.19
N GLY A 182 -4.69 15.94 2.80
CA GLY A 182 -3.82 16.93 2.17
C GLY A 182 -2.39 16.44 1.98
N GLU A 183 -1.87 15.74 2.97
CA GLU A 183 -0.53 15.18 2.85
C GLU A 183 -0.45 14.21 1.67
N MET A 184 -1.49 13.41 1.49
CA MET A 184 -1.57 12.52 0.34
C MET A 184 -1.64 13.31 -0.97
N ARG A 185 -2.48 14.34 -1.01
CA ARG A 185 -2.59 15.19 -2.18
C ARG A 185 -1.20 15.62 -2.66
N THR A 186 -0.38 16.07 -1.72
CA THR A 186 0.97 16.54 -2.05
C THR A 186 1.82 15.45 -2.72
N ARG A 187 1.78 14.24 -2.18
CA ARG A 187 2.50 13.11 -2.74
C ARG A 187 2.08 12.85 -4.18
N ILE A 188 0.77 12.91 -4.43
CA ILE A 188 0.24 12.73 -5.77
C ILE A 188 0.63 13.90 -6.66
N ARG A 189 0.54 15.11 -6.12
CA ARG A 189 0.89 16.31 -6.87
C ARG A 189 2.29 16.20 -7.45
N TYR A 190 3.24 15.84 -6.59
CA TYR A 190 4.64 15.75 -7.01
C TYR A 190 5.04 14.36 -7.49
N ASN A 191 4.05 13.47 -7.56
CA ASN A 191 4.28 12.11 -8.06
C ASN A 191 5.46 11.44 -7.36
N ARG A 192 5.54 11.66 -6.05
CA ARG A 192 6.59 11.07 -5.24
C ARG A 192 5.97 10.33 -4.06
N ARG A 193 6.69 9.35 -3.53
CA ARG A 193 6.24 8.63 -2.37
C ARG A 193 7.08 9.04 -1.16
N SER A 194 6.46 9.08 0.01
CA SER A 194 7.22 9.29 1.24
C SER A 194 6.47 8.76 2.45
N ALA A 195 7.23 8.36 3.46
CA ALA A 195 6.64 7.93 4.72
C ALA A 195 6.16 9.15 5.48
N PRO A 196 5.11 8.98 6.30
CA PRO A 196 4.50 10.05 7.12
C PRO A 196 5.38 10.45 8.29
N ASP A 197 5.41 11.75 8.60
CA ASP A 197 6.19 12.26 9.72
C ASP A 197 5.36 12.24 11.01
N PRO A 198 5.98 12.63 12.14
CA PRO A 198 5.29 12.55 13.44
C PRO A 198 3.94 13.27 13.48
N SER A 199 3.79 14.32 12.67
CA SER A 199 2.55 15.09 12.66
C SER A 199 1.39 14.27 12.13
N VAL A 200 1.68 13.37 11.19
CA VAL A 200 0.68 12.45 10.67
C VAL A 200 0.43 11.31 11.66
N ILE A 201 1.51 10.74 12.17
CA ILE A 201 1.41 9.57 13.04
C ILE A 201 0.70 9.86 14.37
N THR A 202 1.03 10.97 15.01
CA THR A 202 0.40 11.32 16.28
C THR A 202 -1.10 11.62 16.10
N LEU A 203 -1.46 12.17 14.96
CA LEU A 203 -2.86 12.37 14.63
C LEU A 203 -3.58 11.03 14.56
N GLU A 204 -3.09 10.15 13.70
CA GLU A 204 -3.64 8.81 13.57
C GLU A 204 -3.79 8.14 14.94
N ASN A 205 -2.72 8.19 15.73
CA ASN A 205 -2.73 7.62 17.07
C ASN A 205 -3.84 8.22 17.95
N SER A 206 -4.07 9.53 17.79
CA SER A 206 -4.93 10.29 18.69
C SER A 206 -6.38 10.49 18.23
N TRP A 207 -6.76 9.88 17.10
CA TRP A 207 -8.11 10.08 16.57
C TRP A 207 -9.21 9.77 17.58
N GLY A 208 -9.05 8.69 18.34
CA GLY A 208 -10.04 8.31 19.34
C GLY A 208 -10.09 9.27 20.50
N ARG A 209 -8.91 9.68 20.99
CA ARG A 209 -8.81 10.59 22.13
C ARG A 209 -9.31 11.99 21.78
N LEU A 210 -9.07 12.42 20.54
CA LEU A 210 -9.60 13.70 20.08
C LEU A 210 -11.13 13.63 19.94
N SER A 211 -11.62 12.53 19.39
CA SER A 211 -13.05 12.30 19.29
C SER A 211 -13.72 12.50 20.64
N THR A 212 -13.10 11.92 21.67
CA THR A 212 -13.61 12.03 23.03
C THR A 212 -13.52 13.46 23.55
N ALA A 213 -12.33 14.04 23.47
CA ALA A 213 -12.08 15.39 23.93
C ALA A 213 -13.12 16.35 23.38
N ILE A 214 -13.37 16.24 22.08
CA ILE A 214 -14.29 17.13 21.40
C ILE A 214 -15.74 16.98 21.87
N GLN A 215 -16.24 15.75 21.84
CA GLN A 215 -17.64 15.47 22.16
C GLN A 215 -17.96 15.66 23.65
N GLU A 216 -16.96 15.45 24.49
CA GLU A 216 -17.10 15.62 25.93
C GLU A 216 -16.60 16.98 26.43
N SER A 217 -16.25 17.85 25.49
CA SER A 217 -15.76 19.20 25.79
C SER A 217 -16.80 20.14 26.43
N ASN A 218 -16.32 21.21 27.04
CA ASN A 218 -17.20 22.24 27.57
C ASN A 218 -17.30 23.40 26.60
N GLN A 219 -18.42 23.52 25.91
CA GLN A 219 -18.63 24.60 24.95
C GLN A 219 -17.46 24.67 23.98
N GLY A 220 -16.81 23.53 23.76
CA GLY A 220 -15.67 23.44 22.86
C GLY A 220 -14.33 23.36 23.56
N ALA A 221 -14.28 23.66 24.86
CA ALA A 221 -13.03 23.58 25.60
C ALA A 221 -12.75 22.16 26.09
N PHE A 222 -11.54 21.67 25.83
CA PHE A 222 -11.15 20.33 26.26
C PHE A 222 -11.02 20.25 27.76
N ALA A 223 -11.59 19.20 28.35
CA ALA A 223 -11.43 18.97 29.79
C ALA A 223 -9.95 18.81 30.13
N SER A 224 -9.21 18.16 29.24
CA SER A 224 -7.77 18.03 29.38
C SER A 224 -7.08 18.10 28.01
N PRO A 225 -5.89 18.70 27.96
CA PRO A 225 -5.12 18.86 26.73
C PRO A 225 -4.77 17.53 26.06
N ILE A 226 -4.79 17.52 24.73
CA ILE A 226 -4.28 16.39 23.96
C ILE A 226 -2.97 16.79 23.31
N GLN A 227 -1.91 16.07 23.62
CA GLN A 227 -0.58 16.39 23.10
C GLN A 227 -0.33 15.72 21.75
N LEU A 228 0.09 16.52 20.77
CA LEU A 228 0.47 16.01 19.46
C LEU A 228 1.94 16.34 19.19
N GLN A 229 2.43 15.94 18.01
CA GLN A 229 3.79 16.26 17.61
C GLN A 229 3.84 16.97 16.27
N ARG A 230 4.87 17.78 16.07
CA ARG A 230 5.10 18.44 14.80
C ARG A 230 6.03 17.59 13.92
N ARG A 231 6.33 18.08 12.73
CA ARG A 231 7.16 17.34 11.79
C ARG A 231 8.54 16.97 12.36
N ASN A 232 9.08 17.84 13.20
CA ASN A 232 10.39 17.62 13.81
C ASN A 232 10.29 16.87 15.14
N GLY A 233 9.08 16.43 15.47
CA GLY A 233 8.86 15.65 16.68
C GLY A 233 8.68 16.48 17.94
N SER A 234 8.64 17.79 17.79
CA SER A 234 8.41 18.68 18.94
C SER A 234 6.95 18.62 19.38
N LYS A 235 6.74 18.55 20.69
CA LYS A 235 5.40 18.35 21.24
C LYS A 235 4.63 19.65 21.47
N PHE A 236 3.32 19.59 21.27
CA PHE A 236 2.44 20.71 21.59
C PHE A 236 1.05 20.18 21.96
N SER A 237 0.23 21.02 22.59
CA SER A 237 -1.08 20.58 23.05
C SER A 237 -2.25 21.25 22.34
N VAL A 238 -3.35 20.52 22.21
CA VAL A 238 -4.58 21.07 21.68
C VAL A 238 -5.61 21.24 22.80
N TYR A 239 -6.00 22.47 23.07
CA TYR A 239 -6.97 22.76 24.13
C TYR A 239 -8.42 22.98 23.66
N ASP A 240 -8.63 23.03 22.36
CA ASP A 240 -9.92 23.50 21.85
C ASP A 240 -10.30 22.89 20.51
N VAL A 241 -11.59 22.65 20.32
CA VAL A 241 -12.08 22.11 19.06
C VAL A 241 -11.76 23.07 17.91
N SER A 242 -11.76 24.37 18.22
CA SER A 242 -11.63 25.42 17.22
C SER A 242 -10.47 25.18 16.26
N ILE A 243 -9.29 24.90 16.82
CA ILE A 243 -8.09 24.75 16.00
C ILE A 243 -8.15 23.50 15.15
N LEU A 244 -8.98 22.55 15.54
CA LEU A 244 -9.08 21.26 14.86
C LEU A 244 -10.15 21.22 13.77
N ILE A 245 -10.91 22.31 13.63
CA ILE A 245 -11.96 22.38 12.62
C ILE A 245 -11.46 22.00 11.22
N PRO A 246 -10.39 22.67 10.75
CA PRO A 246 -9.78 22.37 9.45
C PRO A 246 -9.00 21.05 9.44
N ILE A 247 -8.73 20.50 10.62
CA ILE A 247 -7.86 19.34 10.75
C ILE A 247 -8.59 17.98 10.65
N ILE A 248 -9.53 17.74 11.56
CA ILE A 248 -10.23 16.47 11.63
C ILE A 248 -11.64 16.51 11.04
N ALA A 249 -11.90 15.62 10.08
CA ALA A 249 -13.17 15.61 9.36
C ALA A 249 -14.26 14.70 9.95
N LEU A 250 -13.88 13.80 10.86
CA LEU A 250 -14.81 12.80 11.36
C LEU A 250 -14.47 12.37 12.78
N MET A 251 -15.48 11.90 13.50
CA MET A 251 -15.28 11.39 14.85
C MET A 251 -16.10 10.13 15.08
N VAL A 252 -15.53 9.19 15.83
CA VAL A 252 -16.29 8.05 16.31
C VAL A 252 -17.25 8.54 17.38
N TYR A 253 -18.41 7.92 17.48
CA TYR A 253 -19.42 8.34 18.43
C TYR A 253 -18.97 8.12 19.87
N ARG A 254 -19.20 9.12 20.71
CA ARG A 254 -18.82 9.06 22.12
C ARG A 254 -19.96 9.57 23.01
N CYS A 255 -20.01 9.07 24.24
CA CYS A 255 -20.98 9.45 25.27
C CYS A 255 -21.80 8.28 25.78
N ASN B 1 -3.95 -14.45 -20.44
CA ASN B 1 -3.51 -14.21 -19.06
C ASN B 1 -2.47 -13.10 -18.98
N ALA B 2 -1.55 -13.25 -18.04
CA ALA B 2 -0.41 -12.35 -17.90
C ALA B 2 0.79 -12.93 -18.63
N GLN B 3 0.57 -14.01 -19.37
CA GLN B 3 1.65 -14.77 -19.98
C GLN B 3 2.64 -13.89 -20.75
N VAL B 4 3.91 -14.06 -20.44
CA VAL B 4 4.98 -13.31 -21.09
C VAL B 4 6.26 -14.14 -21.09
N GLN B 5 7.06 -14.01 -22.14
CA GLN B 5 8.31 -14.76 -22.22
C GLN B 5 9.49 -13.82 -22.02
N LEU B 6 10.39 -14.16 -21.11
CA LEU B 6 11.53 -13.32 -20.79
C LEU B 6 12.85 -13.91 -21.28
N VAL B 7 13.45 -13.29 -22.28
CA VAL B 7 14.73 -13.73 -22.81
C VAL B 7 15.85 -12.78 -22.40
N GLU B 8 16.72 -13.22 -21.48
CA GLU B 8 17.80 -12.35 -21.06
C GLU B 8 19.08 -12.63 -21.83
N SER B 9 20.08 -11.79 -21.61
CA SER B 9 21.31 -11.83 -22.38
C SER B 9 22.32 -10.86 -21.79
N GLY B 10 23.49 -10.76 -22.43
CA GLY B 10 24.46 -9.75 -22.08
C GLY B 10 25.44 -10.15 -21.00
N GLY B 11 25.40 -11.40 -20.59
CA GLY B 11 26.30 -11.90 -19.56
C GLY B 11 27.63 -12.35 -20.14
N GLY B 12 28.55 -12.74 -19.27
CA GLY B 12 29.81 -13.28 -19.73
C GLY B 12 30.99 -13.02 -18.79
N LEU B 13 32.17 -13.38 -19.27
CA LEU B 13 33.41 -13.23 -18.50
C LEU B 13 33.89 -11.78 -18.54
N VAL B 14 34.36 -11.29 -17.41
CA VAL B 14 34.80 -9.91 -17.32
C VAL B 14 35.96 -9.75 -16.34
N GLN B 15 36.87 -8.83 -16.66
CA GLN B 15 37.99 -8.53 -15.79
C GLN B 15 37.51 -7.78 -14.56
N PRO B 16 38.08 -8.08 -13.39
CA PRO B 16 37.70 -7.34 -12.18
C PRO B 16 37.78 -5.85 -12.42
N GLY B 17 36.82 -5.10 -11.88
CA GLY B 17 36.71 -3.68 -12.13
C GLY B 17 35.87 -3.41 -13.37
N GLY B 18 35.65 -4.45 -14.16
CA GLY B 18 34.90 -4.33 -15.40
C GLY B 18 33.40 -4.11 -15.19
N SER B 19 32.68 -4.02 -16.29
CA SER B 19 31.24 -3.79 -16.24
C SER B 19 30.51 -4.58 -17.32
N LEU B 20 29.26 -4.96 -17.03
CA LEU B 20 28.42 -5.67 -17.99
C LEU B 20 27.04 -5.05 -17.99
N ARG B 21 26.28 -5.25 -19.07
CA ARG B 21 24.88 -4.82 -19.08
C ARG B 21 23.96 -5.97 -19.45
N LEU B 22 23.13 -6.38 -18.49
CA LEU B 22 22.14 -7.42 -18.69
C LEU B 22 20.87 -6.88 -19.35
N SER B 23 20.14 -7.77 -20.01
CA SER B 23 18.93 -7.36 -20.70
C SER B 23 17.81 -8.36 -20.46
N CYS B 24 16.68 -7.88 -19.94
CA CYS B 24 15.46 -8.66 -19.95
C CYS B 24 14.64 -8.17 -21.13
N VAL B 25 14.50 -9.01 -22.14
CA VAL B 25 13.71 -8.66 -23.31
C VAL B 25 12.42 -9.47 -23.30
N ALA B 26 11.29 -8.77 -23.23
CA ALA B 26 10.00 -9.42 -23.27
C ALA B 26 9.60 -9.72 -24.71
N SER B 27 9.27 -10.98 -24.98
CA SER B 27 8.96 -11.39 -26.35
C SER B 27 7.61 -10.85 -26.80
N GLU B 28 7.45 -10.69 -28.11
CA GLU B 28 6.28 -10.03 -28.66
C GLU B 28 4.97 -10.77 -28.40
N PHE B 29 3.87 -10.01 -28.45
CA PHE B 29 2.51 -10.56 -28.34
C PHE B 29 2.11 -11.10 -26.97
N SER B 30 2.71 -10.58 -25.90
CA SER B 30 2.09 -10.72 -24.59
C SER B 30 0.99 -9.65 -24.50
N ARG B 31 -0.12 -9.97 -23.84
CA ARG B 31 -1.26 -9.03 -23.79
C ARG B 31 -0.84 -7.65 -23.30
N PHE B 32 0.02 -7.62 -22.29
CA PHE B 32 0.51 -6.38 -21.72
C PHE B 32 1.97 -6.18 -22.09
N THR B 33 2.41 -4.94 -22.19
CA THR B 33 3.82 -4.68 -22.46
C THR B 33 4.61 -4.70 -21.15
N LEU B 34 5.93 -4.55 -21.26
CA LEU B 34 6.82 -4.76 -20.13
C LEU B 34 6.69 -3.67 -19.07
N ASP B 35 6.25 -2.49 -19.48
CA ASP B 35 6.12 -1.36 -18.57
C ASP B 35 4.99 -1.57 -17.56
N TYR B 36 4.14 -2.56 -17.82
CA TYR B 36 3.07 -2.93 -16.90
C TYR B 36 3.61 -3.84 -15.81
N TYR B 37 4.87 -4.23 -15.95
CA TYR B 37 5.48 -5.24 -15.09
C TYR B 37 6.49 -4.70 -14.11
N ALA B 38 6.60 -5.35 -12.96
CA ALA B 38 7.74 -5.17 -12.09
C ALA B 38 8.78 -6.20 -12.51
N ILE B 39 10.04 -5.78 -12.59
CA ILE B 39 11.10 -6.69 -12.97
C ILE B 39 12.15 -6.83 -11.87
N GLY B 40 12.31 -8.04 -11.37
CA GLY B 40 13.37 -8.32 -10.41
C GLY B 40 14.61 -8.88 -11.06
N TRP B 41 15.77 -8.65 -10.44
CA TRP B 41 17.01 -9.24 -10.87
C TRP B 41 17.62 -10.03 -9.72
N PHE B 42 17.88 -11.31 -9.96
CA PHE B 42 18.39 -12.21 -8.92
C PHE B 42 19.72 -12.82 -9.36
N ARG B 43 20.48 -13.34 -8.42
CA ARG B 43 21.72 -14.05 -8.74
C ARG B 43 21.89 -15.28 -7.85
N GLN B 44 22.44 -16.34 -8.40
CA GLN B 44 22.60 -17.59 -7.66
C GLN B 44 23.95 -18.26 -7.87
N ALA B 45 24.69 -18.44 -6.79
CA ALA B 45 25.92 -19.21 -6.83
C ALA B 45 25.57 -20.68 -6.64
N PRO B 46 26.43 -21.59 -7.13
CA PRO B 46 26.07 -23.02 -7.13
C PRO B 46 25.67 -23.60 -5.77
N GLY B 47 26.48 -23.38 -4.75
CA GLY B 47 26.20 -23.91 -3.43
C GLY B 47 25.18 -23.08 -2.66
N LYS B 48 24.79 -21.97 -3.26
CA LYS B 48 23.90 -21.00 -2.62
C LYS B 48 22.48 -21.01 -3.16
N GLU B 49 21.68 -20.06 -2.68
CA GLU B 49 20.30 -19.94 -3.08
C GLU B 49 20.06 -18.59 -3.74
N ARG B 50 18.92 -18.47 -4.42
CA ARG B 50 18.58 -17.25 -5.13
C ARG B 50 18.69 -16.03 -4.22
N GLU B 51 19.19 -14.92 -4.76
CA GLU B 51 19.28 -13.68 -3.99
C GLU B 51 18.93 -12.45 -4.82
N GLY B 52 17.99 -11.66 -4.31
CA GLY B 52 17.56 -10.43 -4.97
C GLY B 52 18.60 -9.34 -4.89
N LEU B 53 18.80 -8.63 -6.00
CA LEU B 53 19.83 -7.60 -6.08
C LEU B 53 19.21 -6.24 -6.37
N SER B 54 18.60 -6.12 -7.54
CA SER B 54 17.97 -4.88 -7.98
C SER B 54 16.51 -5.14 -8.38
N SER B 55 15.67 -4.12 -8.27
CA SER B 55 14.27 -4.29 -8.62
C SER B 55 13.62 -2.98 -9.07
N ILE B 56 12.65 -3.08 -9.98
CA ILE B 56 11.90 -1.92 -10.43
C ILE B 56 10.41 -2.22 -10.46
N SER B 57 9.64 -1.31 -9.87
CA SER B 57 8.20 -1.47 -9.73
C SER B 57 7.44 -1.20 -11.02
N SER B 58 6.19 -1.68 -11.07
CA SER B 58 5.27 -1.35 -12.13
C SER B 58 4.79 0.08 -11.96
N SER B 59 4.95 0.60 -10.75
CA SER B 59 4.42 1.91 -10.39
C SER B 59 4.93 2.99 -11.35
N SER B 60 4.08 3.98 -11.61
CA SER B 60 4.38 5.02 -12.59
C SER B 60 5.50 5.95 -12.14
N ASP B 61 5.83 5.91 -10.85
CA ASP B 61 6.81 6.84 -10.30
C ASP B 61 8.24 6.31 -10.38
N GLY B 62 8.41 5.13 -10.98
CA GLY B 62 9.72 4.60 -11.30
C GLY B 62 10.55 4.10 -10.12
N PHE B 63 9.88 3.78 -9.01
CA PHE B 63 10.58 3.33 -7.82
C PHE B 63 11.49 2.13 -8.09
N THR B 64 12.72 2.21 -7.61
CA THR B 64 13.66 1.11 -7.72
C THR B 64 14.21 0.73 -6.36
N SER B 65 14.61 -0.54 -6.22
CA SER B 65 15.19 -1.02 -4.98
C SER B 65 16.53 -1.68 -5.27
N TYR B 66 17.48 -1.51 -4.36
CA TYR B 66 18.80 -2.12 -4.51
C TYR B 66 19.28 -2.72 -3.20
N SER B 67 19.73 -3.97 -3.25
CA SER B 67 20.31 -4.60 -2.08
C SER B 67 21.61 -3.89 -1.73
N ASP B 68 22.01 -3.96 -0.46
CA ASP B 68 23.21 -3.27 -0.02
C ASP B 68 24.43 -3.71 -0.81
N SER B 69 24.48 -4.99 -1.14
CA SER B 69 25.63 -5.56 -1.85
C SER B 69 25.98 -4.79 -3.13
N VAL B 70 24.98 -4.51 -3.95
CA VAL B 70 25.22 -3.87 -5.25
C VAL B 70 24.99 -2.35 -5.31
N LYS B 71 24.58 -1.75 -4.20
CA LYS B 71 24.15 -0.35 -4.24
C LYS B 71 25.20 0.60 -4.83
N GLY B 72 24.78 1.37 -5.83
CA GLY B 72 25.62 2.39 -6.43
C GLY B 72 26.48 1.88 -7.57
N ARG B 73 26.78 0.58 -7.55
CA ARG B 73 27.46 -0.07 -8.66
C ARG B 73 26.47 -0.47 -9.75
N PHE B 74 25.33 -0.99 -9.32
CA PHE B 74 24.30 -1.49 -10.26
C PHE B 74 23.19 -0.48 -10.47
N THR B 75 22.70 -0.41 -11.70
CA THR B 75 21.56 0.44 -12.03
C THR B 75 20.56 -0.28 -12.93
N ILE B 76 19.32 -0.35 -12.47
CA ILE B 76 18.24 -0.95 -13.25
C ILE B 76 17.53 0.17 -14.02
N SER B 77 17.09 -0.15 -15.24
CA SER B 77 16.50 0.87 -16.11
C SER B 77 15.57 0.25 -17.15
N ARG B 78 14.76 1.10 -17.78
CA ARG B 78 13.79 0.64 -18.76
C ARG B 78 14.07 1.21 -20.15
N ASP B 79 13.81 0.40 -21.17
CA ASP B 79 13.58 0.90 -22.52
C ASP B 79 12.27 0.30 -23.01
N ASN B 80 11.24 1.13 -23.12
CA ASN B 80 9.89 0.64 -23.43
C ASN B 80 9.65 0.40 -24.91
N ALA B 81 10.28 1.22 -25.76
CA ALA B 81 10.14 1.07 -27.20
C ALA B 81 10.71 -0.27 -27.66
N LYS B 82 11.67 -0.78 -26.89
CA LYS B 82 12.23 -2.11 -27.15
C LYS B 82 11.62 -3.17 -26.25
N ASN B 83 10.69 -2.78 -25.38
CA ASN B 83 10.05 -3.72 -24.47
C ASN B 83 11.11 -4.43 -23.63
N THR B 84 12.05 -3.65 -23.10
CA THR B 84 13.24 -4.18 -22.46
C THR B 84 13.57 -3.49 -21.14
N VAL B 85 14.25 -4.20 -20.25
CA VAL B 85 14.76 -3.62 -19.01
C VAL B 85 16.24 -3.99 -18.84
N TYR B 86 17.07 -2.99 -18.55
CA TYR B 86 18.50 -3.18 -18.47
C TYR B 86 19.03 -3.19 -17.04
N LEU B 87 20.08 -3.99 -16.82
CA LEU B 87 20.82 -3.96 -15.57
C LEU B 87 22.29 -3.64 -15.88
N GLN B 88 22.74 -2.47 -15.47
CA GLN B 88 24.13 -2.08 -15.68
C GLN B 88 24.94 -2.44 -14.44
N MET B 89 25.84 -3.42 -14.59
CA MET B 89 26.67 -3.85 -13.47
C MET B 89 28.08 -3.29 -13.64
N ASN B 90 28.42 -2.31 -12.81
CA ASN B 90 29.75 -1.70 -12.88
C ASN B 90 30.66 -2.13 -11.74
N SER B 91 31.91 -1.68 -11.79
CA SER B 91 32.89 -1.96 -10.74
C SER B 91 32.84 -3.42 -10.30
N LEU B 92 32.69 -4.32 -11.26
CA LEU B 92 32.51 -5.74 -10.99
C LEU B 92 33.71 -6.39 -10.31
N LYS B 93 33.43 -7.34 -9.44
CA LYS B 93 34.45 -8.08 -8.72
C LYS B 93 34.05 -9.55 -8.57
N PRO B 94 35.03 -10.45 -8.34
CA PRO B 94 34.81 -11.90 -8.36
C PRO B 94 33.61 -12.37 -7.54
N GLU B 95 33.36 -11.74 -6.40
CA GLU B 95 32.26 -12.13 -5.53
C GLU B 95 30.92 -12.01 -6.24
N ASP B 96 30.88 -11.19 -7.28
CA ASP B 96 29.68 -11.01 -8.08
C ASP B 96 29.41 -12.22 -8.98
N THR B 97 30.43 -13.06 -9.15
CA THR B 97 30.34 -14.20 -10.06
C THR B 97 29.23 -15.15 -9.64
N ALA B 98 28.31 -15.39 -10.57
CA ALA B 98 27.14 -16.23 -10.34
C ALA B 98 26.26 -16.19 -11.58
N VAL B 99 25.21 -17.00 -11.59
CA VAL B 99 24.23 -16.95 -12.67
C VAL B 99 23.13 -15.98 -12.31
N TYR B 100 22.84 -15.04 -13.21
CA TYR B 100 21.89 -13.97 -12.95
C TYR B 100 20.55 -14.20 -13.65
N TYR B 101 19.48 -13.81 -12.98
CA TYR B 101 18.15 -14.07 -13.50
C TYR B 101 17.29 -12.82 -13.51
N CYS B 102 16.44 -12.70 -14.52
CA CYS B 102 15.44 -11.64 -14.53
C CYS B 102 14.09 -12.25 -14.29
N ALA B 103 13.25 -11.51 -13.57
CA ALA B 103 11.94 -12.01 -13.19
C ALA B 103 10.87 -10.92 -13.24
N ALA B 104 9.64 -11.29 -13.59
CA ALA B 104 8.59 -10.29 -13.80
C ALA B 104 7.23 -10.70 -13.23
N ARG B 105 6.46 -9.70 -12.79
CA ARG B 105 5.08 -9.89 -12.37
C ARG B 105 4.24 -8.71 -12.82
N LEU B 106 3.07 -8.99 -13.37
CA LEU B 106 2.21 -7.93 -13.88
C LEU B 106 1.65 -7.07 -12.75
N GLY B 107 1.89 -5.76 -12.83
CA GLY B 107 1.45 -4.83 -11.81
C GLY B 107 2.18 -5.02 -10.49
N GLY B 108 3.30 -5.74 -10.52
CA GLY B 108 4.03 -6.05 -9.31
C GLY B 108 4.78 -4.88 -8.70
N TRP B 109 5.41 -5.15 -7.55
CA TRP B 109 6.21 -4.16 -6.85
C TRP B 109 7.68 -4.58 -6.83
N ALA B 110 8.53 -3.77 -6.20
CA ALA B 110 9.95 -4.06 -6.22
C ALA B 110 10.29 -4.94 -5.04
N SER B 111 10.59 -6.20 -5.32
CA SER B 111 10.76 -7.20 -4.29
C SER B 111 12.05 -7.95 -4.51
N PHE B 112 12.68 -8.36 -3.41
CA PHE B 112 13.85 -9.24 -3.46
C PHE B 112 13.44 -10.69 -3.25
N SER B 113 12.14 -10.92 -3.19
CA SER B 113 11.61 -12.26 -2.98
C SER B 113 11.22 -12.93 -4.30
N PRO B 114 11.76 -14.14 -4.54
CA PRO B 114 11.44 -14.93 -5.74
C PRO B 114 9.96 -15.31 -5.82
N GLN B 115 9.31 -15.46 -4.66
CA GLN B 115 7.90 -15.82 -4.62
C GLN B 115 7.02 -14.73 -5.23
N GLU B 116 7.56 -13.51 -5.26
CA GLU B 116 6.76 -12.35 -5.62
C GLU B 116 6.84 -11.96 -7.12
N TYR B 117 7.47 -12.82 -7.91
CA TYR B 117 7.39 -12.71 -9.37
C TYR B 117 6.81 -13.98 -9.97
N ASP B 118 6.10 -13.84 -11.08
CA ASP B 118 5.52 -15.00 -11.78
C ASP B 118 6.29 -15.56 -12.99
N TYR B 119 7.29 -14.85 -13.49
CA TYR B 119 7.91 -15.23 -14.76
C TYR B 119 9.42 -15.03 -14.74
N TRP B 120 10.15 -15.99 -15.29
CA TRP B 120 11.60 -15.99 -15.18
C TRP B 120 12.31 -16.13 -16.52
N GLY B 121 13.49 -15.51 -16.61
CA GLY B 121 14.37 -15.70 -17.74
C GLY B 121 15.06 -17.03 -17.60
N GLN B 122 15.89 -17.38 -18.58
CA GLN B 122 16.59 -18.67 -18.55
C GLN B 122 17.86 -18.59 -17.72
N GLY B 123 18.29 -17.38 -17.43
CA GLY B 123 19.51 -17.17 -16.67
C GLY B 123 20.72 -16.98 -17.57
N THR B 124 21.70 -16.22 -17.08
CA THR B 124 22.94 -16.01 -17.82
C THR B 124 24.10 -15.97 -16.84
N GLN B 125 25.19 -16.67 -17.18
CA GLN B 125 26.33 -16.76 -16.28
C GLN B 125 27.17 -15.50 -16.31
N VAL B 126 27.62 -15.08 -15.13
CA VAL B 126 28.59 -14.00 -15.01
C VAL B 126 29.83 -14.54 -14.30
N THR B 127 31.00 -14.14 -14.78
CA THR B 127 32.25 -14.55 -14.17
C THR B 127 33.23 -13.38 -14.17
N VAL B 128 33.86 -13.15 -13.03
CA VAL B 128 34.84 -12.07 -12.92
C VAL B 128 36.20 -12.60 -12.51
N SER B 129 37.18 -12.46 -13.39
CA SER B 129 38.53 -12.93 -13.10
C SER B 129 39.57 -12.09 -13.82
CL CL C . -3.94 -15.79 10.17
#